data_6L5L
#
_entry.id   6L5L
#
_cell.length_a   146.170
_cell.length_b   46.630
_cell.length_c   58.490
_cell.angle_alpha   90.000
_cell.angle_beta   101.160
_cell.angle_gamma   90.000
#
_symmetry.space_group_name_H-M   'C 1 2 1'
#
loop_
_entity.id
_entity.type
_entity.pdbx_description
1 polymer 'Nucleolar RNA helicase 2'
2 non-polymer 'MAGNESIUM ION'
#
_entity_poly.entity_id   1
_entity_poly.type   'polypeptide(L)'
_entity_poly.pdbx_seq_one_letter_code
;SFSNFPISEETIKLLKGRGVTFLFPIQAKTFHHVYSGKDLIAQARTGTGKTFSFAIPLIEKLHGELQDRKRGRAPQVLVL
APTRELANQVSKDFSDITKKLSVACFYGGTPYGGQFERMRNGIDILVGTPGRIKDHIQNGKLDLTKLKHVVLDEVDQMLD
MGFADQVEEILSVAYKKDSEDNPQTLLFSATCPHWVFNVAKKYMKSTYEQVDLIKTAITVEHLAIKCHWTQRAAVIGDVI
RVYSGHQGRTIIFCETKKEAQELSQNSAIKQDAQSLHGDIPQKQREITLKGFRNGSFGVLVATNVAARGLDIPEVDLVIQ
SSPPKDVESYIHRSGRTGRAGRTGVCICFYQHKEEYQLVQVEQKAGIKFKRI
;
_entity_poly.pdbx_strand_id   A
#
# COMPACT_ATOMS: atom_id res chain seq x y z
N PHE A 2 -7.67 13.64 -5.91
CA PHE A 2 -7.90 13.90 -4.48
C PHE A 2 -9.01 14.93 -4.25
N SER A 3 -9.97 15.01 -5.19
CA SER A 3 -11.11 15.93 -5.05
C SER A 3 -11.94 15.46 -3.87
N ASN A 4 -12.27 16.40 -2.96
CA ASN A 4 -13.01 16.18 -1.72
C ASN A 4 -12.32 15.14 -0.82
N PHE A 5 -11.00 15.30 -0.70
CA PHE A 5 -10.09 14.56 0.19
C PHE A 5 -9.52 15.67 1.08
N PRO A 6 -9.44 15.51 2.41
CA PRO A 6 -8.90 16.59 3.26
C PRO A 6 -7.36 16.75 3.15
N ILE A 7 -6.93 17.31 1.99
CA ILE A 7 -5.56 17.57 1.53
C ILE A 7 -5.56 18.99 0.95
N SER A 8 -4.53 19.81 1.28
CA SER A 8 -4.42 21.16 0.75
C SER A 8 -3.95 21.15 -0.72
N GLU A 9 -4.24 22.22 -1.46
CA GLU A 9 -3.86 22.41 -2.86
C GLU A 9 -2.32 22.33 -3.00
N GLU A 10 -1.62 22.90 -2.01
CA GLU A 10 -0.16 22.92 -1.93
C GLU A 10 0.38 21.49 -1.87
N THR A 11 -0.20 20.65 -0.98
CA THR A 11 0.20 19.25 -0.82
C THR A 11 -0.07 18.45 -2.08
N ILE A 12 -1.23 18.67 -2.73
CA ILE A 12 -1.59 18.02 -4.00
C ILE A 12 -0.53 18.33 -5.08
N LYS A 13 -0.06 19.58 -5.14
CA LYS A 13 0.96 20.01 -6.09
C LYS A 13 2.30 19.30 -5.82
N LEU A 14 2.69 19.15 -4.53
CA LEU A 14 3.91 18.44 -4.15
C LEU A 14 3.83 16.95 -4.49
N LEU A 15 2.62 16.35 -4.33
CA LEU A 15 2.36 14.94 -4.65
C LEU A 15 2.50 14.70 -6.16
N LYS A 16 2.07 15.67 -6.98
CA LYS A 16 2.16 15.63 -8.44
C LYS A 16 3.65 15.59 -8.87
N GLY A 17 4.51 16.29 -8.11
CA GLY A 17 5.95 16.30 -8.31
C GLY A 17 6.61 14.96 -8.04
N ARG A 18 5.87 14.05 -7.41
CA ARG A 18 6.30 12.68 -7.12
C ARG A 18 5.56 11.68 -8.00
N GLY A 19 4.73 12.19 -8.91
CA GLY A 19 3.92 11.37 -9.81
C GLY A 19 2.76 10.68 -9.12
N VAL A 20 2.30 11.24 -7.98
CA VAL A 20 1.18 10.73 -7.20
C VAL A 20 -0.06 11.59 -7.50
N THR A 21 -1.04 11.00 -8.19
CA THR A 21 -2.27 11.71 -8.57
C THR A 21 -3.51 11.08 -7.94
N PHE A 22 -3.35 9.91 -7.29
CA PHE A 22 -4.44 9.17 -6.65
C PHE A 22 -3.92 8.16 -5.61
N LEU A 23 -4.83 7.68 -4.76
CA LEU A 23 -4.60 6.62 -3.79
C LEU A 23 -5.54 5.50 -4.15
N PHE A 24 -5.08 4.24 -4.13
CA PHE A 24 -5.96 3.10 -4.36
C PHE A 24 -6.98 3.03 -3.22
N PRO A 25 -8.24 2.59 -3.46
CA PRO A 25 -9.25 2.58 -2.37
C PRO A 25 -8.77 2.04 -1.00
N ILE A 26 -8.00 0.94 -0.97
CA ILE A 26 -7.48 0.38 0.30
C ILE A 26 -6.57 1.38 1.02
N GLN A 27 -5.82 2.21 0.25
CA GLN A 27 -4.95 3.26 0.77
C GLN A 27 -5.82 4.44 1.20
N ALA A 28 -6.84 4.79 0.39
CA ALA A 28 -7.80 5.86 0.65
C ALA A 28 -8.56 5.59 1.96
N LYS A 29 -8.83 4.31 2.28
CA LYS A 29 -9.50 3.88 3.53
C LYS A 29 -8.58 4.10 4.72
N THR A 30 -7.26 3.83 4.57
CA THR A 30 -6.28 4.04 5.62
C THR A 30 -6.23 5.54 5.96
N PHE A 31 -6.18 6.43 4.93
CA PHE A 31 -6.18 7.88 5.08
C PHE A 31 -7.26 8.34 6.08
N HIS A 32 -8.53 7.96 5.85
CA HIS A 32 -9.66 8.39 6.66
C HIS A 32 -9.54 7.90 8.11
N HIS A 33 -9.03 6.69 8.33
CA HIS A 33 -8.82 6.17 9.69
C HIS A 33 -7.73 6.95 10.44
N VAL A 34 -6.66 7.31 9.72
CA VAL A 34 -5.57 8.10 10.29
C VAL A 34 -6.06 9.51 10.57
N TYR A 35 -6.71 10.13 9.57
CA TYR A 35 -7.25 11.49 9.63
C TYR A 35 -8.31 11.68 10.71
N SER A 36 -9.10 10.62 11.00
CA SER A 36 -10.15 10.69 12.01
C SER A 36 -9.65 10.52 13.45
N GLY A 37 -8.35 10.26 13.63
CA GLY A 37 -7.70 10.12 14.94
C GLY A 37 -7.74 8.75 15.56
N LYS A 38 -8.19 7.76 14.80
CA LYS A 38 -8.31 6.39 15.26
C LYS A 38 -7.00 5.63 15.26
N ASP A 39 -6.86 4.69 16.21
CA ASP A 39 -5.75 3.74 16.25
C ASP A 39 -6.04 2.73 15.15
N LEU A 40 -4.99 2.19 14.52
CA LEU A 40 -5.17 1.33 13.36
C LEU A 40 -4.14 0.20 13.19
N ILE A 41 -4.61 -0.93 12.64
CA ILE A 41 -3.79 -2.06 12.19
C ILE A 41 -4.11 -2.18 10.69
N ALA A 42 -3.12 -1.91 9.84
CA ALA A 42 -3.34 -1.97 8.39
C ALA A 42 -2.52 -3.07 7.77
N GLN A 43 -3.07 -3.71 6.74
CA GLN A 43 -2.40 -4.79 6.03
C GLN A 43 -2.09 -4.39 4.57
N ALA A 44 -0.81 -4.09 4.32
CA ALA A 44 -0.25 -3.69 3.03
C ALA A 44 1.25 -3.94 3.06
N ARG A 45 1.82 -4.24 1.88
CA ARG A 45 3.26 -4.44 1.74
C ARG A 45 3.95 -3.21 1.13
N THR A 46 5.30 -3.22 1.06
CA THR A 46 6.14 -2.13 0.53
C THR A 46 5.57 -1.52 -0.76
N GLY A 47 5.38 -0.21 -0.71
CA GLY A 47 4.84 0.58 -1.81
C GLY A 47 4.87 2.08 -1.56
N THR A 48 4.76 2.86 -2.66
CA THR A 48 4.75 4.32 -2.64
C THR A 48 3.53 4.87 -1.91
N GLY A 49 2.36 4.35 -2.25
CA GLY A 49 1.08 4.73 -1.67
C GLY A 49 0.87 4.31 -0.23
N LYS A 50 1.59 3.28 0.26
CA LYS A 50 1.44 2.82 1.65
C LYS A 50 1.99 3.87 2.63
N THR A 51 3.14 4.47 2.29
CA THR A 51 3.78 5.49 3.10
C THR A 51 2.88 6.72 3.12
N PHE A 52 2.37 7.12 1.96
CA PHE A 52 1.50 8.28 1.82
C PHE A 52 0.16 8.13 2.53
N SER A 53 -0.31 6.88 2.74
CA SER A 53 -1.53 6.56 3.47
C SER A 53 -1.51 7.19 4.86
N PHE A 54 -0.32 7.18 5.53
CA PHE A 54 -0.16 7.80 6.85
C PHE A 54 0.49 9.17 6.77
N ALA A 55 1.46 9.35 5.86
CA ALA A 55 2.18 10.62 5.77
C ALA A 55 1.30 11.82 5.42
N ILE A 56 0.43 11.70 4.40
CA ILE A 56 -0.43 12.81 3.96
C ILE A 56 -1.40 13.24 5.08
N PRO A 57 -2.22 12.36 5.70
CA PRO A 57 -3.14 12.83 6.76
C PRO A 57 -2.45 13.40 8.01
N LEU A 58 -1.26 12.87 8.37
CA LEU A 58 -0.50 13.33 9.53
C LEU A 58 0.05 14.73 9.27
N ILE A 59 0.57 14.96 8.06
CA ILE A 59 1.15 16.24 7.65
C ILE A 59 0.09 17.33 7.64
N GLU A 60 -1.11 17.01 7.10
CA GLU A 60 -2.23 17.95 7.06
C GLU A 60 -2.62 18.36 8.45
N LYS A 61 -2.72 17.38 9.37
CA LYS A 61 -3.03 17.60 10.78
C LYS A 61 -1.99 18.57 11.40
N LEU A 62 -0.69 18.25 11.29
CA LEU A 62 0.40 19.06 11.84
C LEU A 62 0.48 20.46 11.25
N HIS A 63 0.25 20.59 9.92
CA HIS A 63 0.25 21.89 9.23
C HIS A 63 -0.83 22.81 9.80
N GLY A 64 -1.95 22.22 10.20
CA GLY A 64 -3.07 22.94 10.80
C GLY A 64 -2.81 23.39 12.22
N GLU A 65 -2.12 22.52 13.02
CA GLU A 65 -1.80 22.76 14.44
C GLU A 65 -1.02 24.04 14.74
N ARG A 69 7.38 27.27 15.95
CA ARG A 69 8.63 26.57 15.64
C ARG A 69 9.73 26.93 16.66
N LYS A 70 9.65 26.35 17.86
CA LYS A 70 10.65 26.62 18.88
C LYS A 70 11.91 25.80 18.62
N ARG A 71 13.10 26.40 18.78
CA ARG A 71 14.34 25.68 18.62
C ARG A 71 14.44 24.62 19.72
N GLY A 72 14.86 23.42 19.33
CA GLY A 72 15.00 22.31 20.25
C GLY A 72 13.74 21.57 20.59
N ARG A 73 12.63 21.85 19.87
CA ARG A 73 11.32 21.21 20.08
C ARG A 73 11.39 19.70 19.91
N ALA A 74 10.62 18.99 20.73
CA ALA A 74 10.56 17.53 20.69
C ALA A 74 9.68 17.07 19.53
N PRO A 75 9.94 15.88 18.93
CA PRO A 75 9.08 15.40 17.83
C PRO A 75 7.61 15.18 18.22
N GLN A 76 6.72 15.30 17.25
CA GLN A 76 5.30 15.06 17.42
C GLN A 76 4.91 13.70 16.78
N VAL A 77 5.72 13.23 15.82
CA VAL A 77 5.47 11.97 15.13
C VAL A 77 6.73 11.13 15.21
N LEU A 78 6.57 9.84 15.53
CA LEU A 78 7.65 8.87 15.54
C LEU A 78 7.28 7.74 14.60
N VAL A 79 8.18 7.41 13.66
CA VAL A 79 8.01 6.31 12.73
C VAL A 79 9.20 5.39 12.94
N LEU A 80 8.93 4.15 13.34
CA LEU A 80 9.99 3.17 13.51
C LEU A 80 9.98 2.27 12.28
N ALA A 81 11.14 2.11 11.63
CA ALA A 81 11.31 1.24 10.46
C ALA A 81 12.44 0.27 10.78
N PRO A 82 12.45 -0.97 10.22
CA PRO A 82 13.47 -1.94 10.63
C PRO A 82 14.89 -1.73 10.11
N THR A 83 15.07 -1.05 8.97
CA THR A 83 16.40 -0.83 8.39
C THR A 83 16.69 0.62 8.03
N ARG A 84 17.97 0.94 7.83
CA ARG A 84 18.44 2.23 7.38
C ARG A 84 17.76 2.58 6.03
N GLU A 85 17.69 1.62 5.11
CA GLU A 85 17.12 1.79 3.76
C GLU A 85 15.66 2.17 3.83
N LEU A 86 14.88 1.45 4.66
CA LEU A 86 13.46 1.69 4.82
C LEU A 86 13.17 2.99 5.52
N ALA A 87 13.97 3.31 6.56
CA ALA A 87 13.83 4.57 7.31
C ALA A 87 14.09 5.75 6.36
N ASN A 88 15.13 5.65 5.50
CA ASN A 88 15.48 6.69 4.54
C ASN A 88 14.42 6.92 3.49
N GLN A 89 13.69 5.87 3.11
CA GLN A 89 12.62 6.03 2.12
C GLN A 89 11.40 6.71 2.73
N VAL A 90 11.00 6.32 3.96
CA VAL A 90 9.87 6.92 4.67
C VAL A 90 10.12 8.42 4.92
N SER A 91 11.31 8.75 5.42
CA SER A 91 11.75 10.11 5.71
C SER A 91 11.70 10.99 4.46
N LYS A 92 12.21 10.48 3.32
CA LYS A 92 12.21 11.17 2.02
C LYS A 92 10.78 11.46 1.57
N ASP A 93 9.86 10.50 1.76
CA ASP A 93 8.46 10.69 1.39
C ASP A 93 7.80 11.80 2.20
N PHE A 94 8.03 11.84 3.52
CA PHE A 94 7.52 12.93 4.34
C PHE A 94 8.09 14.28 3.87
N SER A 95 9.44 14.38 3.71
CA SER A 95 10.19 15.57 3.27
C SER A 95 9.79 16.11 1.90
N ASP A 96 9.27 15.22 1.02
CA ASP A 96 8.84 15.58 -0.31
C ASP A 96 7.47 16.27 -0.36
N ILE A 97 6.62 16.03 0.65
CA ILE A 97 5.26 16.59 0.67
C ILE A 97 5.05 17.66 1.78
N THR A 98 6.11 17.97 2.55
CA THR A 98 6.11 19.06 3.53
C THR A 98 7.38 19.85 3.42
N LYS A 99 7.22 21.16 3.25
CA LYS A 99 8.36 22.06 3.22
C LYS A 99 8.32 22.91 4.48
N LYS A 100 7.35 22.64 5.37
CA LYS A 100 7.16 23.40 6.60
C LYS A 100 7.73 22.73 7.83
N LEU A 101 7.62 21.39 7.90
CA LEU A 101 8.01 20.59 9.06
C LEU A 101 9.43 20.02 9.01
N SER A 102 10.06 19.91 10.18
CA SER A 102 11.42 19.38 10.32
C SER A 102 11.34 17.86 10.36
N VAL A 103 11.92 17.22 9.34
CA VAL A 103 11.91 15.76 9.23
C VAL A 103 13.33 15.22 9.49
N ALA A 104 13.47 14.27 10.44
CA ALA A 104 14.76 13.68 10.77
C ALA A 104 14.73 12.16 10.63
N CYS A 105 15.89 11.55 10.28
CA CYS A 105 16.06 10.10 10.08
C CYS A 105 17.27 9.57 10.87
N PHE A 106 17.02 8.76 11.92
CA PHE A 106 18.06 8.22 12.80
C PHE A 106 18.24 6.73 12.69
N TYR A 107 19.41 6.29 12.24
CA TYR A 107 19.70 4.87 12.14
C TYR A 107 21.07 4.55 12.73
N GLY A 108 21.37 3.26 12.85
CA GLY A 108 22.62 2.77 13.41
C GLY A 108 23.72 2.63 12.40
N GLY A 109 24.93 2.38 12.91
CA GLY A 109 26.15 2.23 12.13
C GLY A 109 26.60 3.56 11.56
N THR A 110 26.24 4.66 12.26
CA THR A 110 26.56 6.03 11.85
C THR A 110 26.87 6.91 13.08
N PRO A 111 27.74 7.94 12.96
CA PRO A 111 28.02 8.79 14.11
C PRO A 111 26.81 9.56 14.68
N TYR A 112 26.94 9.91 15.96
CA TYR A 112 25.93 10.64 16.73
C TYR A 112 25.84 12.15 16.42
N GLY A 113 26.95 12.75 16.01
CA GLY A 113 27.06 14.18 15.77
C GLY A 113 25.92 14.85 15.03
N GLY A 114 25.60 14.33 13.85
CA GLY A 114 24.55 14.86 12.99
C GLY A 114 23.17 14.73 13.57
N GLN A 115 22.95 13.62 14.28
CA GLN A 115 21.69 13.32 14.97
C GLN A 115 21.52 14.24 16.16
N PHE A 116 22.62 14.51 16.90
CA PHE A 116 22.62 15.42 18.02
C PHE A 116 22.21 16.84 17.58
N GLU A 117 22.73 17.30 16.42
CA GLU A 117 22.45 18.62 15.86
C GLU A 117 20.99 18.77 15.54
N ARG A 118 20.36 17.70 14.96
CA ARG A 118 18.95 17.72 14.60
C ARG A 118 18.11 17.89 15.84
N MET A 119 18.43 17.15 16.91
CA MET A 119 17.71 17.26 18.18
C MET A 119 17.90 18.65 18.80
N ARG A 120 19.12 19.22 18.72
CA ARG A 120 19.42 20.57 19.24
C ARG A 120 18.59 21.62 18.51
N ASN A 121 18.43 21.47 17.19
CA ASN A 121 17.69 22.42 16.38
C ASN A 121 16.18 22.26 16.43
N GLY A 122 15.71 21.03 16.65
CA GLY A 122 14.29 20.74 16.73
C GLY A 122 13.79 19.81 15.64
N ILE A 123 12.84 18.94 15.99
CA ILE A 123 12.26 17.94 15.08
C ILE A 123 10.75 17.88 15.24
N ASP A 124 10.03 17.67 14.13
CA ASP A 124 8.58 17.51 14.13
C ASP A 124 8.23 16.06 13.84
N ILE A 125 8.88 15.48 12.82
CA ILE A 125 8.67 14.09 12.42
C ILE A 125 10.00 13.36 12.50
N LEU A 126 10.09 12.35 13.36
CA LEU A 126 11.29 11.55 13.55
C LEU A 126 11.10 10.15 13.02
N VAL A 127 11.94 9.77 12.05
CA VAL A 127 11.95 8.43 11.46
C VAL A 127 13.23 7.76 11.93
N GLY A 128 13.16 6.51 12.31
CA GLY A 128 14.35 5.83 12.77
C GLY A 128 14.24 4.34 12.98
N THR A 129 15.39 3.70 13.23
CA THR A 129 15.47 2.28 13.54
C THR A 129 15.41 2.15 15.07
N PRO A 130 14.83 1.05 15.61
CA PRO A 130 14.69 0.92 17.07
C PRO A 130 15.95 1.08 17.92
N GLY A 131 17.04 0.48 17.47
CA GLY A 131 18.32 0.51 18.17
C GLY A 131 18.82 1.90 18.47
N ARG A 132 18.92 2.74 17.43
CA ARG A 132 19.40 4.12 17.56
C ARG A 132 18.45 4.99 18.36
N ILE A 133 17.15 4.83 18.15
CA ILE A 133 16.16 5.60 18.88
C ILE A 133 16.27 5.28 20.37
N LYS A 134 16.34 3.98 20.72
CA LYS A 134 16.51 3.53 22.10
C LYS A 134 17.77 4.14 22.74
N ASP A 135 18.89 4.19 22.00
CA ASP A 135 20.15 4.76 22.49
C ASP A 135 19.99 6.20 22.88
N HIS A 136 19.32 7.00 22.02
CA HIS A 136 19.09 8.43 22.23
C HIS A 136 18.15 8.72 23.37
N ILE A 137 17.23 7.78 23.68
CA ILE A 137 16.32 7.88 24.82
C ILE A 137 17.21 7.75 26.06
N GLN A 138 18.06 6.69 26.08
CA GLN A 138 18.99 6.36 27.16
C GLN A 138 20.01 7.46 27.43
N ASN A 139 20.61 8.06 26.39
CA ASN A 139 21.59 9.12 26.64
C ASN A 139 20.97 10.47 27.04
N GLY A 140 19.64 10.52 27.16
CA GLY A 140 18.90 11.70 27.57
C GLY A 140 18.80 12.85 26.57
N LYS A 141 19.09 12.59 25.28
CA LYS A 141 19.03 13.62 24.24
C LYS A 141 17.69 13.65 23.49
N LEU A 142 16.95 12.53 23.49
CA LEU A 142 15.69 12.43 22.79
C LEU A 142 14.46 12.47 23.72
N ASP A 143 13.55 13.41 23.43
CA ASP A 143 12.31 13.58 24.18
C ASP A 143 11.11 12.97 23.45
N LEU A 144 10.61 11.82 23.96
CA LEU A 144 9.45 11.11 23.42
C LEU A 144 8.21 11.25 24.30
N THR A 145 8.21 12.27 25.18
CA THR A 145 7.11 12.53 26.12
C THR A 145 6.04 13.47 25.54
N LYS A 146 6.29 14.03 24.33
CA LYS A 146 5.36 14.97 23.70
C LYS A 146 4.84 14.48 22.33
N LEU A 147 4.97 13.17 22.06
CA LEU A 147 4.50 12.53 20.84
C LEU A 147 2.99 12.55 20.78
N LYS A 148 2.45 12.74 19.57
CA LYS A 148 1.02 12.73 19.29
C LYS A 148 0.65 11.57 18.36
N HIS A 149 1.64 11.00 17.64
CA HIS A 149 1.46 9.91 16.68
C HIS A 149 2.65 8.97 16.66
N VAL A 150 2.38 7.65 16.59
CA VAL A 150 3.42 6.61 16.54
C VAL A 150 3.10 5.64 15.41
N VAL A 151 4.03 5.46 14.47
CA VAL A 151 3.86 4.53 13.36
C VAL A 151 4.90 3.42 13.46
N LEU A 152 4.44 2.16 13.50
CA LEU A 152 5.32 0.99 13.51
C LEU A 152 5.20 0.37 12.12
N ASP A 153 6.14 0.74 11.24
CA ASP A 153 6.17 0.31 9.85
C ASP A 153 6.89 -1.03 9.66
N GLU A 154 6.36 -1.88 8.76
CA GLU A 154 6.87 -3.21 8.45
C GLU A 154 7.19 -4.02 9.71
N VAL A 155 6.19 -4.17 10.60
CA VAL A 155 6.31 -4.90 11.87
C VAL A 155 6.79 -6.33 11.67
N ASP A 156 6.45 -6.97 10.53
CA ASP A 156 6.89 -8.33 10.21
C ASP A 156 8.40 -8.40 10.14
N GLN A 157 9.01 -7.55 9.29
CA GLN A 157 10.46 -7.48 9.13
C GLN A 157 11.14 -7.07 10.43
N MET A 158 10.55 -6.09 11.15
CA MET A 158 11.05 -5.58 12.42
C MET A 158 11.17 -6.70 13.45
N LEU A 159 10.15 -7.56 13.55
CA LEU A 159 10.15 -8.70 14.48
C LEU A 159 11.11 -9.80 14.06
N ASP A 160 11.16 -10.10 12.73
CA ASP A 160 12.06 -11.11 12.13
C ASP A 160 13.52 -10.80 12.49
N MET A 161 13.86 -9.50 12.51
CA MET A 161 15.20 -9.00 12.82
C MET A 161 15.53 -9.00 14.32
N GLY A 162 14.55 -9.34 15.16
CA GLY A 162 14.70 -9.42 16.61
C GLY A 162 14.47 -8.14 17.40
N PHE A 163 13.78 -7.17 16.79
CA PHE A 163 13.52 -5.86 17.41
C PHE A 163 12.35 -5.76 18.37
N ALA A 164 11.51 -6.82 18.49
CA ALA A 164 10.32 -6.81 19.34
C ALA A 164 10.55 -6.22 20.73
N ASP A 165 11.62 -6.69 21.42
CA ASP A 165 11.96 -6.22 22.76
C ASP A 165 12.30 -4.74 22.81
N GLN A 166 13.13 -4.28 21.85
CA GLN A 166 13.54 -2.88 21.74
C GLN A 166 12.36 -1.95 21.42
N VAL A 167 11.43 -2.41 20.55
CA VAL A 167 10.24 -1.65 20.19
C VAL A 167 9.34 -1.52 21.41
N GLU A 168 9.18 -2.62 22.19
CA GLU A 168 8.39 -2.64 23.42
C GLU A 168 8.96 -1.65 24.44
N GLU A 169 10.30 -1.57 24.53
CA GLU A 169 10.98 -0.64 25.42
C GLU A 169 10.68 0.81 25.01
N ILE A 170 10.74 1.10 23.70
CA ILE A 170 10.49 2.45 23.15
C ILE A 170 9.06 2.87 23.39
N LEU A 171 8.09 1.97 23.12
CA LEU A 171 6.68 2.27 23.35
C LEU A 171 6.38 2.55 24.82
N SER A 172 7.05 1.83 25.75
CA SER A 172 6.91 1.95 27.21
C SER A 172 7.22 3.35 27.74
N VAL A 173 7.94 4.16 26.94
CA VAL A 173 8.32 5.52 27.27
C VAL A 173 7.28 6.53 26.79
N ALA A 174 6.71 6.29 25.59
CA ALA A 174 5.74 7.17 24.95
C ALA A 174 4.29 6.97 25.43
N TYR A 175 3.95 5.79 25.95
CA TYR A 175 2.61 5.44 26.39
C TYR A 175 2.49 5.28 27.89
N LYS A 176 3.05 6.22 28.65
CA LYS A 176 3.01 6.17 30.10
C LYS A 176 1.65 6.62 30.65
N SER A 179 -2.71 5.76 30.12
CA SER A 179 -3.86 5.31 29.35
C SER A 179 -4.57 6.45 28.60
N GLU A 180 -4.79 7.59 29.28
CA GLU A 180 -5.44 8.75 28.66
C GLU A 180 -4.38 9.66 28.04
N ASP A 181 -4.70 10.25 26.85
CA ASP A 181 -3.85 11.17 26.07
C ASP A 181 -2.59 10.49 25.49
N ASN A 182 -2.67 9.18 25.23
CA ASN A 182 -1.57 8.44 24.61
C ASN A 182 -1.49 8.81 23.13
N PRO A 183 -0.34 8.64 22.45
CA PRO A 183 -0.27 8.96 21.01
C PRO A 183 -1.19 8.09 20.18
N GLN A 184 -1.63 8.57 18.99
CA GLN A 184 -2.40 7.74 18.06
C GLN A 184 -1.42 6.69 17.52
N THR A 185 -1.83 5.40 17.54
CA THR A 185 -0.98 4.27 17.17
C THR A 185 -1.36 3.67 15.86
N LEU A 186 -0.39 3.58 14.94
CA LEU A 186 -0.60 3.00 13.62
C LEU A 186 0.37 1.86 13.38
N LEU A 187 -0.15 0.62 13.13
CA LEU A 187 0.64 -0.59 12.86
C LEU A 187 0.45 -1.05 11.44
N PHE A 188 1.56 -1.31 10.73
CA PHE A 188 1.55 -1.72 9.32
C PHE A 188 2.35 -2.99 9.09
N SER A 189 1.78 -3.94 8.33
CA SER A 189 2.41 -5.22 7.99
C SER A 189 1.75 -5.89 6.78
N ALA A 190 2.40 -6.90 6.20
CA ALA A 190 1.87 -7.64 5.07
C ALA A 190 1.00 -8.82 5.55
N THR A 191 1.35 -9.38 6.73
CA THR A 191 0.64 -10.47 7.43
C THR A 191 0.48 -10.01 8.88
N CYS A 192 -0.54 -10.48 9.60
CA CYS A 192 -0.74 -10.01 10.97
C CYS A 192 -0.38 -11.07 12.03
N PRO A 193 0.90 -11.07 12.50
CA PRO A 193 1.30 -12.07 13.49
C PRO A 193 0.70 -11.84 14.87
N HIS A 194 0.88 -12.83 15.75
CA HIS A 194 0.43 -12.84 17.14
C HIS A 194 0.88 -11.58 17.88
N TRP A 195 2.15 -11.17 17.68
CA TRP A 195 2.74 -10.00 18.32
C TRP A 195 2.00 -8.71 17.99
N VAL A 196 1.40 -8.61 16.79
CA VAL A 196 0.69 -7.40 16.36
C VAL A 196 -0.54 -7.12 17.28
N PHE A 197 -1.35 -8.14 17.57
CA PHE A 197 -2.53 -7.97 18.41
C PHE A 197 -2.17 -7.89 19.90
N ASN A 198 -1.02 -8.49 20.28
CA ASN A 198 -0.53 -8.42 21.66
C ASN A 198 -0.15 -6.97 22.00
N VAL A 199 0.38 -6.24 20.99
CA VAL A 199 0.76 -4.82 21.10
C VAL A 199 -0.51 -3.98 21.15
N ALA A 200 -1.46 -4.22 20.22
CA ALA A 200 -2.75 -3.52 20.16
C ALA A 200 -3.54 -3.66 21.45
N LYS A 201 -3.52 -4.86 22.07
CA LYS A 201 -4.22 -5.12 23.32
C LYS A 201 -3.69 -4.26 24.49
N LYS A 202 -2.36 -4.01 24.52
CA LYS A 202 -1.71 -3.22 25.57
C LYS A 202 -1.67 -1.72 25.30
N TYR A 203 -1.11 -1.33 24.14
CA TYR A 203 -0.86 0.07 23.80
C TYR A 203 -2.01 0.79 23.10
N MET A 204 -2.73 0.12 22.20
CA MET A 204 -3.81 0.73 21.44
C MET A 204 -5.14 0.85 22.19
N LYS A 205 -5.98 1.81 21.75
CA LYS A 205 -7.31 2.03 22.30
C LYS A 205 -8.19 0.84 21.85
N SER A 206 -9.11 0.40 22.71
CA SER A 206 -10.03 -0.70 22.44
C SER A 206 -10.86 -0.49 21.16
N THR A 207 -10.98 0.77 20.72
CA THR A 207 -11.73 1.19 19.54
C THR A 207 -10.91 1.19 18.24
N TYR A 208 -9.70 0.55 18.24
CA TYR A 208 -8.82 0.53 17.06
C TYR A 208 -9.48 -0.09 15.81
N GLU A 209 -9.10 0.41 14.63
CA GLU A 209 -9.61 -0.02 13.35
C GLU A 209 -8.68 -1.01 12.67
N GLN A 210 -9.22 -1.75 11.67
CA GLN A 210 -8.47 -2.72 10.87
C GLN A 210 -8.76 -2.58 9.37
N VAL A 211 -7.72 -2.54 8.55
CA VAL A 211 -7.84 -2.44 7.09
C VAL A 211 -7.05 -3.62 6.49
N ASP A 212 -7.75 -4.59 5.87
CA ASP A 212 -7.08 -5.80 5.36
C ASP A 212 -7.71 -6.49 4.14
N LEU A 213 -8.86 -6.01 3.62
CA LEU A 213 -9.54 -6.53 2.41
C LEU A 213 -10.45 -7.76 2.66
N ILE A 214 -10.63 -8.21 3.91
CA ILE A 214 -11.55 -9.32 4.18
C ILE A 214 -12.99 -8.86 3.98
N LYS A 215 -13.73 -9.56 3.12
CA LYS A 215 -15.12 -9.31 2.72
C LYS A 215 -16.03 -8.84 3.88
N THR A 216 -16.11 -7.51 4.02
CA THR A 216 -16.91 -6.80 5.02
C THR A 216 -18.14 -6.15 4.34
N ALA A 217 -19.09 -7.01 3.93
CA ALA A 217 -20.36 -6.69 3.26
C ALA A 217 -20.20 -5.78 2.01
N ILE A 218 -19.22 -6.11 1.15
CA ILE A 218 -18.93 -5.40 -0.11
C ILE A 218 -19.18 -6.31 -1.28
N THR A 219 -18.74 -7.59 -1.17
CA THR A 219 -18.84 -8.69 -2.14
C THR A 219 -17.76 -8.58 -3.24
N VAL A 220 -17.84 -7.59 -4.17
CA VAL A 220 -16.85 -7.43 -5.24
C VAL A 220 -16.66 -5.94 -5.63
N GLU A 221 -15.39 -5.51 -5.59
CA GLU A 221 -14.94 -4.16 -5.94
C GLU A 221 -14.70 -4.11 -7.44
N HIS A 222 -15.18 -3.05 -8.08
CA HIS A 222 -15.02 -2.78 -9.51
C HIS A 222 -14.35 -1.40 -9.61
N LEU A 223 -13.05 -1.36 -9.96
CA LEU A 223 -12.29 -0.11 -10.06
C LEU A 223 -11.95 0.24 -11.51
N ALA A 224 -11.89 1.54 -11.81
CA ALA A 224 -11.57 2.06 -13.13
C ALA A 224 -10.39 2.99 -13.02
N ILE A 225 -9.34 2.75 -13.83
CA ILE A 225 -8.15 3.58 -13.81
C ILE A 225 -7.95 4.17 -15.18
N LYS A 226 -7.93 5.53 -15.27
CA LYS A 226 -7.66 6.25 -16.50
C LYS A 226 -6.14 6.30 -16.59
N CYS A 227 -5.57 5.70 -17.65
CA CYS A 227 -4.13 5.57 -17.81
C CYS A 227 -3.74 5.44 -19.28
N HIS A 228 -2.72 6.22 -19.70
CA HIS A 228 -2.20 6.15 -21.07
C HIS A 228 -1.46 4.82 -21.19
N TRP A 229 -1.61 4.15 -22.34
CA TRP A 229 -1.02 2.83 -22.58
C TRP A 229 0.48 2.74 -22.26
N THR A 230 1.26 3.81 -22.52
CA THR A 230 2.71 3.84 -22.25
C THR A 230 3.06 3.72 -20.75
N GLN A 231 2.10 4.03 -19.84
CA GLN A 231 2.29 3.99 -18.37
C GLN A 231 1.57 2.81 -17.68
N ARG A 232 0.69 2.09 -18.41
CA ARG A 232 -0.13 0.96 -17.93
C ARG A 232 0.65 -0.15 -17.20
N ALA A 233 1.81 -0.58 -17.72
CA ALA A 233 2.64 -1.63 -17.12
C ALA A 233 3.15 -1.27 -15.72
N ALA A 234 3.54 0.00 -15.48
CA ALA A 234 4.01 0.44 -14.16
C ALA A 234 2.85 0.45 -13.15
N VAL A 235 1.64 0.87 -13.60
CA VAL A 235 0.43 0.90 -12.75
C VAL A 235 -0.05 -0.52 -12.47
N ILE A 236 0.11 -1.44 -13.44
CA ILE A 236 -0.27 -2.85 -13.30
C ILE A 236 0.58 -3.50 -12.18
N GLY A 237 1.89 -3.27 -12.19
CA GLY A 237 2.78 -3.80 -11.16
C GLY A 237 2.40 -3.28 -9.78
N ASP A 238 2.06 -1.96 -9.71
CA ASP A 238 1.65 -1.26 -8.51
C ASP A 238 0.36 -1.83 -7.93
N VAL A 239 -0.66 -2.13 -8.78
CA VAL A 239 -1.92 -2.74 -8.31
C VAL A 239 -1.67 -4.11 -7.74
N ILE A 240 -0.82 -4.93 -8.38
CA ILE A 240 -0.49 -6.27 -7.92
C ILE A 240 0.19 -6.18 -6.55
N ARG A 241 1.11 -5.23 -6.38
CA ARG A 241 1.81 -5.03 -5.12
C ARG A 241 0.84 -4.60 -4.00
N VAL A 242 -0.10 -3.71 -4.32
CA VAL A 242 -1.08 -3.17 -3.39
C VAL A 242 -2.19 -4.18 -3.04
N TYR A 243 -2.85 -4.77 -4.05
CA TYR A 243 -3.99 -5.67 -3.85
C TYR A 243 -3.65 -7.16 -3.75
N SER A 244 -2.81 -7.70 -4.63
CA SER A 244 -2.40 -9.10 -4.52
C SER A 244 -1.23 -9.16 -3.51
N GLY A 245 -0.96 -10.31 -2.92
CA GLY A 245 0.12 -10.44 -1.95
C GLY A 245 1.10 -11.55 -2.28
N HIS A 246 1.95 -11.96 -1.30
CA HIS A 246 2.86 -13.09 -1.50
C HIS A 246 1.99 -14.35 -1.52
N GLN A 247 2.22 -15.23 -2.53
CA GLN A 247 1.41 -16.42 -2.82
C GLN A 247 0.02 -15.94 -3.32
N GLY A 248 0.06 -14.91 -4.17
CA GLY A 248 -1.11 -14.29 -4.77
C GLY A 248 -1.34 -14.72 -6.20
N ARG A 249 -2.61 -14.75 -6.60
CA ARG A 249 -3.03 -15.12 -7.95
C ARG A 249 -3.70 -13.95 -8.62
N THR A 250 -3.19 -13.61 -9.78
CA THR A 250 -3.61 -12.48 -10.58
C THR A 250 -3.72 -12.88 -12.04
N ILE A 251 -4.79 -12.46 -12.69
CA ILE A 251 -4.99 -12.68 -14.12
C ILE A 251 -5.15 -11.32 -14.75
N ILE A 252 -4.44 -11.11 -15.87
CA ILE A 252 -4.52 -9.89 -16.64
C ILE A 252 -5.09 -10.27 -18.01
N PHE A 253 -6.16 -9.58 -18.45
CA PHE A 253 -6.80 -9.84 -19.73
C PHE A 253 -6.48 -8.77 -20.77
N CYS A 254 -6.15 -9.23 -22.00
CA CYS A 254 -5.78 -8.41 -23.15
C CYS A 254 -6.65 -8.70 -24.38
N GLU A 255 -6.52 -7.86 -25.41
CA GLU A 255 -7.23 -8.02 -26.68
C GLU A 255 -6.30 -8.74 -27.63
N THR A 256 -5.16 -8.11 -27.97
CA THR A 256 -4.12 -8.62 -28.87
C THR A 256 -3.12 -9.52 -28.15
N LYS A 257 -2.59 -10.51 -28.89
CA LYS A 257 -1.61 -11.50 -28.41
C LYS A 257 -0.27 -10.82 -28.11
N LYS A 258 0.04 -9.71 -28.83
CA LYS A 258 1.26 -8.95 -28.63
C LYS A 258 1.20 -8.22 -27.30
N GLU A 259 0.01 -7.71 -26.92
CA GLU A 259 -0.24 -6.98 -25.66
C GLU A 259 0.05 -7.90 -24.47
N ALA A 260 -0.49 -9.13 -24.50
CA ALA A 260 -0.28 -10.16 -23.48
C ALA A 260 1.17 -10.64 -23.41
N GLN A 261 1.79 -10.92 -24.58
CA GLN A 261 3.18 -11.36 -24.69
C GLN A 261 4.15 -10.31 -24.18
N GLU A 262 4.05 -9.06 -24.68
CA GLU A 262 4.90 -7.94 -24.29
C GLU A 262 4.73 -7.63 -22.80
N LEU A 263 3.47 -7.59 -22.32
CA LEU A 263 3.16 -7.32 -20.91
C LEU A 263 3.78 -8.37 -19.99
N SER A 264 3.66 -9.66 -20.35
CA SER A 264 4.27 -10.75 -19.58
C SER A 264 5.79 -10.65 -19.58
N GLN A 265 6.38 -10.20 -20.72
CA GLN A 265 7.82 -10.01 -20.89
C GLN A 265 8.34 -8.71 -20.21
N ASN A 266 7.45 -7.74 -19.94
CA ASN A 266 7.75 -6.42 -19.35
C ASN A 266 8.28 -6.52 -17.91
N SER A 267 9.40 -5.82 -17.67
CA SER A 267 10.18 -5.74 -16.43
C SER A 267 9.37 -5.54 -15.15
N ALA A 268 8.21 -4.86 -15.24
CA ALA A 268 7.34 -4.59 -14.10
C ALA A 268 6.88 -5.88 -13.40
N ILE A 269 6.61 -6.95 -14.20
CA ILE A 269 6.12 -8.25 -13.70
C ILE A 269 6.81 -9.48 -14.32
N LYS A 270 7.76 -9.28 -15.27
CA LYS A 270 8.54 -10.30 -16.00
C LYS A 270 8.94 -11.52 -15.16
N GLN A 271 9.32 -11.27 -13.89
CA GLN A 271 9.76 -12.26 -12.93
C GLN A 271 8.63 -13.18 -12.44
N ASP A 272 7.44 -12.61 -12.18
CA ASP A 272 6.30 -13.37 -11.67
C ASP A 272 5.26 -13.76 -12.74
N ALA A 273 5.29 -13.13 -13.95
CA ALA A 273 4.30 -13.33 -15.02
C ALA A 273 4.61 -14.42 -16.06
N GLN A 274 3.53 -14.94 -16.71
CA GLN A 274 3.52 -15.96 -17.77
C GLN A 274 2.30 -15.69 -18.66
N SER A 275 2.50 -15.77 -19.99
CA SER A 275 1.45 -15.50 -20.98
C SER A 275 0.64 -16.72 -21.46
N LEU A 276 -0.61 -16.47 -21.93
CA LEU A 276 -1.53 -17.47 -22.47
C LEU A 276 -2.37 -16.92 -23.62
N HIS A 277 -1.97 -17.23 -24.86
CA HIS A 277 -2.69 -16.79 -26.05
C HIS A 277 -2.76 -17.88 -27.13
N GLY A 278 -3.47 -17.60 -28.21
CA GLY A 278 -3.66 -18.49 -29.36
C GLY A 278 -2.39 -18.95 -30.05
N ASP A 279 -1.35 -18.09 -30.03
CA ASP A 279 -0.06 -18.40 -30.67
C ASP A 279 0.93 -19.08 -29.69
N ILE A 280 0.40 -19.95 -28.81
CA ILE A 280 1.10 -20.77 -27.83
C ILE A 280 0.55 -22.18 -28.09
N PRO A 281 1.40 -23.24 -28.21
CA PRO A 281 0.86 -24.60 -28.41
C PRO A 281 -0.08 -25.03 -27.28
N GLN A 282 -1.13 -25.81 -27.61
CA GLN A 282 -2.12 -26.28 -26.63
C GLN A 282 -1.50 -27.02 -25.44
N LYS A 283 -0.49 -27.91 -25.67
CA LYS A 283 0.21 -28.64 -24.60
C LYS A 283 0.81 -27.65 -23.56
N GLN A 284 1.43 -26.56 -24.05
CA GLN A 284 2.01 -25.53 -23.20
C GLN A 284 0.93 -24.72 -22.49
N ARG A 285 -0.19 -24.42 -23.19
CA ARG A 285 -1.32 -23.69 -22.62
C ARG A 285 -1.92 -24.46 -21.45
N GLU A 286 -1.94 -25.80 -21.58
CA GLU A 286 -2.38 -26.75 -20.55
C GLU A 286 -1.42 -26.66 -19.36
N ILE A 287 -0.10 -26.92 -19.59
CA ILE A 287 0.98 -26.86 -18.60
C ILE A 287 0.94 -25.56 -17.80
N THR A 288 0.87 -24.41 -18.51
CA THR A 288 0.88 -23.07 -17.92
C THR A 288 -0.30 -22.84 -16.97
N LEU A 289 -1.52 -23.24 -17.35
CA LEU A 289 -2.69 -23.06 -16.50
C LEU A 289 -2.55 -23.91 -15.21
N LYS A 290 -2.06 -25.16 -15.37
CA LYS A 290 -1.81 -26.10 -14.28
C LYS A 290 -0.76 -25.51 -13.32
N GLY A 291 0.26 -24.87 -13.88
CA GLY A 291 1.30 -24.22 -13.11
C GLY A 291 0.75 -23.07 -12.30
N PHE A 292 -0.15 -22.27 -12.88
CA PHE A 292 -0.80 -21.15 -12.21
C PHE A 292 -1.60 -21.66 -11.03
N ARG A 293 -2.38 -22.75 -11.26
CA ARG A 293 -3.21 -23.39 -10.23
C ARG A 293 -2.36 -23.91 -9.07
N ASN A 294 -1.18 -24.49 -9.36
CA ASN A 294 -0.36 -25.08 -8.31
C ASN A 294 0.87 -24.22 -7.94
N GLY A 295 0.64 -22.91 -7.97
CA GLY A 295 1.56 -21.87 -7.55
C GLY A 295 2.95 -21.85 -8.11
N SER A 296 3.14 -22.22 -9.39
CA SER A 296 4.44 -22.20 -10.03
C SER A 296 4.88 -20.75 -10.32
N PHE A 297 3.90 -19.88 -10.60
CA PHE A 297 4.04 -18.44 -10.86
C PHE A 297 2.72 -17.77 -10.39
N GLY A 298 2.74 -16.46 -10.18
CA GLY A 298 1.57 -15.77 -9.64
C GLY A 298 0.77 -14.87 -10.53
N VAL A 299 1.30 -14.53 -11.72
CA VAL A 299 0.62 -13.63 -12.65
C VAL A 299 0.38 -14.31 -13.99
N LEU A 300 -0.89 -14.55 -14.33
CA LEU A 300 -1.20 -15.11 -15.63
C LEU A 300 -1.70 -13.99 -16.56
N VAL A 301 -0.94 -13.72 -17.64
CA VAL A 301 -1.30 -12.70 -18.63
C VAL A 301 -1.89 -13.45 -19.83
N ALA A 302 -3.21 -13.39 -19.98
CA ALA A 302 -3.91 -14.10 -21.04
C ALA A 302 -4.86 -13.20 -21.80
N THR A 303 -5.08 -13.48 -23.11
CA THR A 303 -6.04 -12.70 -23.93
C THR A 303 -7.46 -13.11 -23.52
N ASN A 304 -8.45 -12.29 -23.87
CA ASN A 304 -9.84 -12.60 -23.55
C ASN A 304 -10.40 -13.74 -24.41
N VAL A 305 -9.76 -13.97 -25.57
CA VAL A 305 -10.12 -15.02 -26.55
C VAL A 305 -9.78 -16.41 -25.96
N ALA A 306 -8.49 -16.61 -25.58
CA ALA A 306 -7.97 -17.85 -24.98
C ALA A 306 -8.64 -18.17 -23.64
N ALA A 307 -9.13 -17.15 -22.94
CA ALA A 307 -9.82 -17.24 -21.65
C ALA A 307 -11.22 -17.85 -21.74
N ARG A 308 -11.86 -17.79 -22.93
CA ARG A 308 -13.19 -18.36 -23.12
C ARG A 308 -13.15 -19.88 -22.96
N GLY A 309 -13.96 -20.38 -22.04
CA GLY A 309 -14.06 -21.80 -21.74
C GLY A 309 -12.94 -22.40 -20.92
N LEU A 310 -11.80 -21.68 -20.81
CA LEU A 310 -10.65 -22.13 -20.04
C LEU A 310 -10.97 -22.20 -18.54
N ASP A 311 -10.57 -23.31 -17.87
CA ASP A 311 -10.83 -23.57 -16.46
C ASP A 311 -9.92 -22.76 -15.53
N ILE A 312 -10.30 -21.50 -15.31
CA ILE A 312 -9.56 -20.57 -14.47
C ILE A 312 -9.89 -20.78 -12.97
N PRO A 313 -8.87 -20.80 -12.07
CA PRO A 313 -9.17 -20.99 -10.64
C PRO A 313 -9.59 -19.69 -9.93
N GLU A 314 -9.87 -19.79 -8.61
CA GLU A 314 -10.18 -18.64 -7.75
C GLU A 314 -8.89 -17.80 -7.70
N VAL A 315 -9.01 -16.48 -7.87
CA VAL A 315 -7.87 -15.54 -7.91
C VAL A 315 -8.09 -14.33 -7.01
N ASP A 316 -7.00 -13.67 -6.61
CA ASP A 316 -7.05 -12.47 -5.78
C ASP A 316 -7.45 -11.21 -6.57
N LEU A 317 -6.89 -11.04 -7.78
CA LEU A 317 -7.09 -9.87 -8.60
C LEU A 317 -7.24 -10.19 -10.09
N VAL A 318 -8.26 -9.59 -10.71
CA VAL A 318 -8.56 -9.66 -12.14
C VAL A 318 -8.37 -8.26 -12.73
N ILE A 319 -7.48 -8.14 -13.73
CA ILE A 319 -7.16 -6.89 -14.41
C ILE A 319 -7.59 -6.96 -15.89
N GLN A 320 -8.08 -5.83 -16.40
CA GLN A 320 -8.45 -5.68 -17.81
C GLN A 320 -7.57 -4.55 -18.37
N SER A 321 -6.91 -4.80 -19.52
CA SER A 321 -6.04 -3.82 -20.17
C SER A 321 -6.82 -2.65 -20.77
N SER A 322 -8.07 -2.91 -21.20
CA SER A 322 -9.01 -1.96 -21.81
C SER A 322 -10.46 -2.40 -21.46
N PRO A 323 -11.50 -1.51 -21.47
CA PRO A 323 -12.87 -1.97 -21.14
C PRO A 323 -13.31 -3.23 -21.89
N PRO A 324 -13.89 -4.23 -21.19
CA PRO A 324 -14.22 -5.51 -21.85
C PRO A 324 -15.36 -5.44 -22.85
N LYS A 325 -15.14 -6.01 -24.05
CA LYS A 325 -16.18 -6.07 -25.07
C LYS A 325 -17.20 -7.14 -24.68
N ASP A 326 -16.73 -8.30 -24.16
CA ASP A 326 -17.60 -9.35 -23.65
C ASP A 326 -17.78 -9.09 -22.17
N VAL A 327 -18.78 -8.27 -21.84
CA VAL A 327 -19.15 -7.90 -20.48
C VAL A 327 -19.67 -9.10 -19.67
N GLU A 328 -20.30 -10.07 -20.35
CA GLU A 328 -20.85 -11.28 -19.72
C GLU A 328 -19.74 -12.10 -19.07
N SER A 329 -18.62 -12.28 -19.78
CA SER A 329 -17.45 -13.00 -19.29
C SER A 329 -16.77 -12.26 -18.16
N TYR A 330 -16.79 -10.90 -18.21
CA TYR A 330 -16.21 -10.03 -17.18
C TYR A 330 -16.89 -10.27 -15.82
N ILE A 331 -18.23 -10.37 -15.84
CA ILE A 331 -19.03 -10.59 -14.63
C ILE A 331 -18.78 -11.99 -14.05
N HIS A 332 -18.63 -13.01 -14.91
CA HIS A 332 -18.36 -14.39 -14.48
C HIS A 332 -17.03 -14.47 -13.74
N ARG A 333 -16.01 -13.78 -14.28
CA ARG A 333 -14.69 -13.77 -13.68
C ARG A 333 -14.68 -13.04 -12.35
N SER A 334 -15.54 -11.99 -12.19
CA SER A 334 -15.72 -11.26 -10.93
C SER A 334 -16.23 -12.20 -9.84
N GLY A 335 -17.09 -13.14 -10.21
CA GLY A 335 -17.62 -14.15 -9.32
C GLY A 335 -16.53 -15.09 -8.82
N ARG A 336 -15.59 -15.43 -9.72
CA ARG A 336 -14.46 -16.30 -9.42
C ARG A 336 -13.23 -15.50 -8.92
N THR A 337 -13.47 -14.45 -8.12
CA THR A 337 -12.43 -13.63 -7.48
C THR A 337 -12.68 -13.44 -5.98
N GLY A 338 -11.61 -13.53 -5.20
CA GLY A 338 -11.63 -13.32 -3.77
C GLY A 338 -11.46 -14.58 -2.97
N ARG A 339 -10.22 -15.00 -2.77
CA ARG A 339 -9.92 -16.22 -2.01
C ARG A 339 -9.82 -15.93 -0.52
N ALA A 340 -9.75 -17.00 0.32
CA ALA A 340 -9.56 -16.96 1.77
C ALA A 340 -10.43 -15.93 2.54
N GLY A 341 -11.68 -15.76 2.08
CA GLY A 341 -12.65 -14.87 2.71
C GLY A 341 -12.49 -13.38 2.44
N ARG A 342 -11.57 -13.01 1.53
CA ARG A 342 -11.30 -11.63 1.18
C ARG A 342 -12.17 -11.19 0.01
N THR A 343 -12.44 -9.88 -0.10
CA THR A 343 -13.20 -9.29 -1.20
C THR A 343 -12.35 -9.36 -2.48
N GLY A 344 -13.00 -9.63 -3.61
CA GLY A 344 -12.34 -9.70 -4.90
C GLY A 344 -12.18 -8.34 -5.55
N VAL A 345 -11.00 -8.08 -6.12
CA VAL A 345 -10.72 -6.79 -6.75
C VAL A 345 -10.75 -6.97 -8.29
N CYS A 346 -11.60 -6.18 -8.97
CA CYS A 346 -11.75 -6.19 -10.42
C CYS A 346 -11.36 -4.84 -10.97
N ILE A 347 -10.23 -4.81 -11.66
CA ILE A 347 -9.72 -3.57 -12.20
C ILE A 347 -9.88 -3.54 -13.70
N CYS A 348 -10.30 -2.36 -14.20
CA CYS A 348 -10.48 -2.05 -15.61
C CYS A 348 -9.70 -0.82 -15.93
N PHE A 349 -8.70 -0.96 -16.81
CA PHE A 349 -7.88 0.17 -17.26
C PHE A 349 -8.58 0.76 -18.47
N TYR A 350 -8.57 2.09 -18.58
CA TYR A 350 -9.18 2.79 -19.72
C TYR A 350 -8.41 4.04 -20.10
N GLN A 351 -8.43 4.33 -21.39
CA GLN A 351 -7.78 5.50 -21.95
C GLN A 351 -8.87 6.54 -22.17
N HIS A 352 -8.51 7.82 -22.28
CA HIS A 352 -9.47 8.91 -22.51
C HIS A 352 -10.32 8.62 -23.75
N LYS A 353 -9.71 8.02 -24.79
CA LYS A 353 -10.37 7.65 -26.03
C LYS A 353 -11.35 6.47 -25.84
N GLU A 354 -11.09 5.60 -24.83
CA GLU A 354 -11.92 4.43 -24.47
C GLU A 354 -12.89 4.77 -23.30
N GLU A 355 -13.13 6.08 -23.03
CA GLU A 355 -14.00 6.57 -21.96
C GLU A 355 -15.45 6.10 -22.07
N TYR A 356 -16.05 6.20 -23.27
CA TYR A 356 -17.43 5.77 -23.50
C TYR A 356 -17.56 4.25 -23.55
N GLN A 357 -16.48 3.57 -23.97
CA GLN A 357 -16.36 2.12 -24.01
C GLN A 357 -16.56 1.54 -22.60
N LEU A 358 -16.06 2.25 -21.56
CA LEU A 358 -16.21 1.87 -20.15
C LEU A 358 -17.63 2.14 -19.63
N VAL A 359 -18.31 3.16 -20.19
CA VAL A 359 -19.70 3.51 -19.83
C VAL A 359 -20.66 2.39 -20.31
N GLN A 360 -20.40 1.83 -21.51
CA GLN A 360 -21.16 0.74 -22.12
C GLN A 360 -21.15 -0.47 -21.20
N VAL A 361 -19.98 -0.81 -20.62
CA VAL A 361 -19.79 -1.93 -19.69
C VAL A 361 -20.72 -1.73 -18.48
N GLU A 362 -20.75 -0.52 -17.94
CA GLU A 362 -21.55 -0.14 -16.79
C GLU A 362 -23.03 -0.31 -17.02
N GLN A 363 -23.50 0.07 -18.21
CA GLN A 363 -24.91 -0.04 -18.58
C GLN A 363 -25.26 -1.51 -18.80
N LYS A 364 -24.43 -2.21 -19.57
CA LYS A 364 -24.61 -3.63 -19.89
C LYS A 364 -24.57 -4.51 -18.66
N ALA A 365 -23.74 -4.18 -17.67
CA ALA A 365 -23.61 -4.99 -16.46
C ALA A 365 -24.47 -4.48 -15.32
N GLY A 366 -24.92 -3.23 -15.40
CA GLY A 366 -25.68 -2.60 -14.32
C GLY A 366 -24.78 -2.44 -13.10
N ILE A 367 -23.53 -1.97 -13.34
CA ILE A 367 -22.53 -1.81 -12.29
C ILE A 367 -21.85 -0.42 -12.38
N LYS A 368 -21.24 0.04 -11.26
CA LYS A 368 -20.57 1.33 -11.14
C LYS A 368 -19.12 1.10 -10.75
N PHE A 369 -18.22 1.62 -11.59
CA PHE A 369 -16.79 1.51 -11.35
C PHE A 369 -16.33 2.64 -10.46
N LYS A 370 -15.43 2.36 -9.48
CA LYS A 370 -14.83 3.38 -8.64
C LYS A 370 -13.76 4.02 -9.52
N ARG A 371 -14.09 5.22 -10.05
CA ARG A 371 -13.21 5.93 -10.96
C ARG A 371 -12.12 6.59 -10.16
N ILE A 372 -10.90 6.04 -10.31
CA ILE A 372 -9.68 6.47 -9.62
C ILE A 372 -8.56 6.86 -10.62
#